data_6UO7
#
_entry.id   6UO7
#
_cell.length_a   55.000
_cell.length_b   60.670
_cell.length_c   121.830
_cell.angle_alpha   90.000
_cell.angle_beta   90.000
_cell.angle_gamma   90.000
#
_symmetry.space_group_name_H-M   'P 21 21 21'
#
loop_
_entity.id
_entity.type
_entity.pdbx_description
1 polymer 'Histone deacetylase 6'
2 non-polymer 'ZINC ION'
3 non-polymer 'POTASSIUM ION'
4 non-polymer AR-42
5 water water
#
_entity_poly.entity_id   1
_entity_poly.type   'polypeptide(L)'
_entity_poly.pdbx_seq_one_letter_code
;SNAGGSATGTGLVYVDAFTRFHCLWDASHPECPARVSTVMEMLETEGLLGRCVQVEARAVTEDELLLVHTKEYVELMKST
QNMTEEELKTLAEKYDSVYLHPGFFSSACLSVGSVLQLVDKVMTSQLRNGFSINRPPGHHAQADKMNGFCMFNNLAIAAR
YAQKRHRVQRVLIVDWDVHHGQGIQYIFEEDPSVLYFSVHRYEDGSFWPHLKESDSSSVGSGAGQGYNINLPWNKVGMES
GDYITAFQQLLLPVAYEFQPQLVLVAAGFDAVIGDPLGGMQVSPECFSILTHMLKGVAQGRLVLALEGGYNLQSTAEGVC
ASMRSLLGDPCPHLPSSGAPCESALKSISKTISDLYPFWKSLQTFE
;
_entity_poly.pdbx_strand_id   A
#
loop_
_chem_comp.id
_chem_comp.type
_chem_comp.name
_chem_comp.formula
K non-polymer 'POTASSIUM ION' 'K 1'
QCP non-polymer AR-42 'C18 H20 N2 O3'
ZN non-polymer 'ZINC ION' 'Zn 2'
#
# COMPACT_ATOMS: atom_id res chain seq x y z
N SER A 6 1.28 -22.24 -10.02
CA SER A 6 1.04 -22.38 -11.46
C SER A 6 0.74 -21.04 -12.11
N ALA A 7 0.70 -21.04 -13.44
CA ALA A 7 0.60 -19.78 -14.19
C ALA A 7 -0.66 -19.01 -13.86
N THR A 8 -1.73 -19.69 -13.44
CA THR A 8 -2.99 -19.03 -13.12
C THR A 8 -3.17 -18.82 -11.62
N GLY A 9 -2.09 -19.00 -10.86
CA GLY A 9 -2.17 -19.02 -9.41
C GLY A 9 -1.96 -17.66 -8.77
N THR A 10 -2.30 -17.61 -7.49
CA THR A 10 -2.15 -16.41 -6.68
C THR A 10 -1.06 -16.70 -5.65
N GLY A 11 0.00 -15.90 -5.65
CA GLY A 11 1.07 -16.09 -4.70
C GLY A 11 0.78 -15.44 -3.37
N LEU A 12 1.34 -16.01 -2.31
CA LEU A 12 1.21 -15.47 -0.96
C LEU A 12 2.57 -15.59 -0.29
N VAL A 13 3.06 -14.49 0.29
CA VAL A 13 4.33 -14.51 1.02
C VAL A 13 4.06 -14.17 2.47
N TYR A 14 4.55 -15.02 3.37
CA TYR A 14 4.52 -14.75 4.80
C TYR A 14 5.66 -15.51 5.47
N VAL A 15 6.38 -14.83 6.34
CA VAL A 15 7.40 -15.46 7.18
C VAL A 15 7.20 -15.06 8.63
N ASP A 16 7.58 -15.97 9.53
CA ASP A 16 7.46 -15.68 10.96
C ASP A 16 8.29 -14.47 11.37
N ALA A 17 9.36 -14.16 10.64
CA ALA A 17 10.17 -12.99 10.95
C ALA A 17 9.33 -11.71 11.00
N PHE A 18 8.21 -11.68 10.28
CA PHE A 18 7.37 -10.49 10.30
C PHE A 18 6.77 -10.24 11.69
N THR A 19 6.77 -11.23 12.58
CA THR A 19 6.26 -11.00 13.93
C THR A 19 7.36 -10.63 14.93
N ARG A 20 8.62 -10.61 14.51
CA ARG A 20 9.74 -10.57 15.46
C ARG A 20 10.24 -9.16 15.73
N PHE A 21 9.33 -8.18 15.76
CA PHE A 21 9.65 -6.85 16.24
C PHE A 21 8.37 -6.21 16.74
N HIS A 22 8.51 -5.32 17.71
CA HIS A 22 7.35 -4.66 18.32
C HIS A 22 7.87 -3.46 19.10
N CYS A 23 6.94 -2.60 19.52
CA CYS A 23 7.31 -1.36 20.20
C CYS A 23 7.69 -1.68 21.66
N LEU A 24 8.95 -1.48 22.00
CA LEU A 24 9.47 -1.81 23.32
C LEU A 24 8.97 -0.87 24.40
N TRP A 25 8.57 0.35 24.05
CA TRP A 25 8.23 1.37 25.03
C TRP A 25 6.76 1.77 24.99
N ASP A 26 5.92 1.04 24.26
CA ASP A 26 4.49 1.33 24.22
C ASP A 26 3.76 0.02 23.90
N ALA A 27 3.26 -0.65 24.94
CA ALA A 27 2.59 -1.93 24.76
C ALA A 27 1.26 -1.81 24.02
N SER A 28 0.72 -0.60 23.88
N SER A 28 0.72 -0.59 23.88
CA SER A 28 -0.52 -0.39 23.14
CA SER A 28 -0.52 -0.38 23.15
C SER A 28 -0.30 0.10 21.72
C SER A 28 -0.30 0.11 21.73
N HIS A 29 0.94 0.11 21.25
CA HIS A 29 1.21 0.62 19.92
C HIS A 29 0.40 -0.16 18.90
N PRO A 30 -0.26 0.52 17.95
CA PRO A 30 -1.15 -0.19 17.03
C PRO A 30 -0.43 -1.06 16.01
N GLU A 31 0.83 -0.75 15.68
CA GLU A 31 1.55 -1.50 14.66
C GLU A 31 2.30 -2.61 15.39
N CYS A 32 1.70 -3.79 15.42
CA CYS A 32 2.10 -4.86 16.32
C CYS A 32 2.10 -6.18 15.59
N PRO A 33 2.77 -7.19 16.15
CA PRO A 33 2.88 -8.48 15.45
C PRO A 33 1.55 -9.17 15.17
N ALA A 34 0.55 -9.00 16.04
CA ALA A 34 -0.74 -9.63 15.81
C ALA A 34 -1.37 -9.23 14.49
N ARG A 35 -1.00 -8.06 13.94
CA ARG A 35 -1.57 -7.65 12.65
C ARG A 35 -1.41 -8.74 11.60
N VAL A 36 -0.21 -9.31 11.47
CA VAL A 36 0.01 -10.30 10.41
C VAL A 36 -0.40 -11.70 10.85
N SER A 37 -0.22 -12.07 12.12
N SER A 37 -0.20 -12.04 12.12
CA SER A 37 -0.64 -13.42 12.49
CA SER A 37 -0.62 -13.34 12.63
C SER A 37 -2.15 -13.58 12.39
C SER A 37 -2.11 -13.54 12.40
N THR A 38 -2.92 -12.53 12.72
CA THR A 38 -4.37 -12.63 12.60
CA THR A 38 -4.36 -12.67 12.59
C THR A 38 -4.78 -12.77 11.13
N VAL A 39 -4.08 -12.06 10.23
CA VAL A 39 -4.37 -12.21 8.81
C VAL A 39 -4.15 -13.65 8.37
N MET A 40 -3.01 -14.22 8.77
CA MET A 40 -2.69 -15.59 8.35
C MET A 40 -3.68 -16.59 8.94
N GLU A 41 -4.07 -16.38 10.19
CA GLU A 41 -5.03 -17.28 10.81
C GLU A 41 -6.39 -17.24 10.11
N MET A 42 -6.83 -16.05 9.70
CA MET A 42 -8.12 -15.97 9.01
C MET A 42 -8.03 -16.52 7.60
N LEU A 43 -6.94 -16.26 6.89
CA LEU A 43 -6.78 -16.86 5.56
C LEU A 43 -6.86 -18.38 5.65
N GLU A 44 -6.32 -18.97 6.71
CA GLU A 44 -6.40 -20.42 6.89
C GLU A 44 -7.83 -20.84 7.26
N THR A 45 -8.44 -20.14 8.22
CA THR A 45 -9.79 -20.46 8.67
C THR A 45 -10.78 -20.41 7.51
N GLU A 46 -10.59 -19.48 6.59
CA GLU A 46 -11.47 -19.31 5.44
C GLU A 46 -11.14 -20.27 4.30
N GLY A 47 -10.09 -21.07 4.44
CA GLY A 47 -9.72 -21.98 3.38
C GLY A 47 -9.06 -21.33 2.19
N LEU A 48 -8.66 -20.07 2.32
CA LEU A 48 -8.02 -19.34 1.24
C LEU A 48 -6.52 -19.56 1.18
N LEU A 49 -5.87 -19.70 2.35
CA LEU A 49 -4.42 -19.90 2.36
C LEU A 49 -4.02 -21.11 1.52
N GLY A 50 -4.74 -22.23 1.68
CA GLY A 50 -4.41 -23.44 0.95
C GLY A 50 -4.66 -23.36 -0.53
N ARG A 51 -5.42 -22.37 -0.99
CA ARG A 51 -5.65 -22.16 -2.41
C ARG A 51 -4.56 -21.32 -3.07
N CYS A 52 -3.69 -20.70 -2.27
CA CYS A 52 -2.60 -19.88 -2.79
C CYS A 52 -1.35 -20.71 -2.99
N VAL A 53 -0.45 -20.18 -3.82
CA VAL A 53 0.89 -20.71 -3.98
C VAL A 53 1.80 -20.02 -2.98
N GLN A 54 2.38 -20.80 -2.06
CA GLN A 54 3.29 -20.24 -1.08
C GLN A 54 4.58 -19.84 -1.77
N VAL A 55 4.97 -18.57 -1.63
CA VAL A 55 6.17 -18.03 -2.23
C VAL A 55 7.12 -17.65 -1.11
N GLU A 56 8.38 -18.05 -1.24
CA GLU A 56 9.38 -17.74 -0.22
C GLU A 56 9.67 -16.24 -0.20
N ALA A 57 9.93 -15.73 1.00
CA ALA A 57 10.46 -14.38 1.10
C ALA A 57 11.96 -14.39 0.77
N ARG A 58 12.52 -13.20 0.61
CA ARG A 58 13.97 -13.06 0.56
C ARG A 58 14.32 -11.72 1.19
N ALA A 59 15.58 -11.57 1.60
CA ALA A 59 16.04 -10.29 2.08
C ALA A 59 16.44 -9.41 0.90
N VAL A 60 15.97 -8.15 0.91
CA VAL A 60 16.40 -7.18 -0.07
C VAL A 60 17.91 -6.99 0.04
N THR A 61 18.54 -6.70 -1.10
CA THR A 61 19.97 -6.40 -1.12
C THR A 61 20.19 -4.90 -1.00
N GLU A 62 21.43 -4.53 -0.69
CA GLU A 62 21.79 -3.12 -0.66
C GLU A 62 21.50 -2.45 -2.00
N ASP A 63 21.87 -3.10 -3.10
CA ASP A 63 21.67 -2.48 -4.41
C ASP A 63 20.19 -2.26 -4.70
N GLU A 64 19.34 -3.18 -4.25
CA GLU A 64 17.89 -3.00 -4.42
C GLU A 64 17.38 -1.83 -3.58
N LEU A 65 17.81 -1.75 -2.32
CA LEU A 65 17.44 -0.61 -1.48
C LEU A 65 17.88 0.71 -2.11
N LEU A 66 19.07 0.72 -2.71
CA LEU A 66 19.62 1.95 -3.29
C LEU A 66 18.87 2.42 -4.53
N LEU A 67 17.94 1.62 -5.04
CA LEU A 67 17.06 2.14 -6.08
C LEU A 67 16.23 3.31 -5.58
N VAL A 68 16.03 3.41 -4.26
CA VAL A 68 15.16 4.40 -3.66
C VAL A 68 15.85 5.17 -2.55
N HIS A 69 16.66 4.49 -1.75
CA HIS A 69 17.19 5.04 -0.51
C HIS A 69 18.66 5.40 -0.66
N THR A 70 19.11 6.35 0.15
CA THR A 70 20.51 6.76 0.12
C THR A 70 21.38 5.76 0.88
N LYS A 71 22.65 5.68 0.47
CA LYS A 71 23.58 4.77 1.13
C LYS A 71 23.71 5.11 2.61
N GLU A 72 23.76 6.41 2.93
CA GLU A 72 23.92 6.80 4.34
C GLU A 72 22.71 6.36 5.17
N TYR A 73 21.51 6.48 4.61
CA TYR A 73 20.31 6.06 5.34
C TYR A 73 20.29 4.54 5.51
N VAL A 74 20.60 3.80 4.44
CA VAL A 74 20.63 2.35 4.54
C VAL A 74 21.61 1.91 5.62
N GLU A 75 22.81 2.52 5.63
CA GLU A 75 23.80 2.13 6.62
C GLU A 75 23.32 2.43 8.04
N LEU A 76 22.70 3.60 8.24
CA LEU A 76 22.17 3.94 9.56
C LEU A 76 21.11 2.93 10.00
N MET A 77 20.19 2.60 9.10
CA MET A 77 19.17 1.61 9.44
C MET A 77 19.79 0.24 9.74
N LYS A 78 20.80 -0.16 8.96
CA LYS A 78 21.49 -1.41 9.24
C LYS A 78 22.08 -1.41 10.65
N SER A 79 22.61 -0.26 11.08
CA SER A 79 23.28 -0.19 12.39
C SER A 79 22.30 -0.31 13.56
N THR A 80 20.99 -0.13 13.32
CA THR A 80 20.05 -0.22 14.42
C THR A 80 19.97 -1.62 15.02
N GLN A 81 20.41 -2.65 14.29
CA GLN A 81 20.29 -4.01 14.82
C GLN A 81 21.18 -4.24 16.03
N ASN A 82 22.16 -3.37 16.27
CA ASN A 82 23.09 -3.53 17.38
C ASN A 82 22.89 -2.48 18.48
N MET A 83 21.88 -1.64 18.36
CA MET A 83 21.68 -0.54 19.31
C MET A 83 20.96 -1.03 20.56
N THR A 84 21.22 -0.33 21.67
CA THR A 84 20.45 -0.54 22.88
C THR A 84 19.07 0.09 22.73
N GLU A 85 18.16 -0.26 23.64
CA GLU A 85 16.83 0.33 23.61
C GLU A 85 16.90 1.85 23.68
N GLU A 86 17.80 2.39 24.53
CA GLU A 86 17.94 3.84 24.64
C GLU A 86 18.39 4.46 23.32
N GLU A 87 19.37 3.83 22.66
CA GLU A 87 19.83 4.35 21.38
C GLU A 87 18.74 4.26 20.31
N LEU A 88 17.99 3.16 20.32
CA LEU A 88 16.88 3.00 19.38
C LEU A 88 15.83 4.08 19.58
N LYS A 89 15.50 4.38 20.83
CA LYS A 89 14.49 5.40 21.09
C LYS A 89 14.99 6.78 20.67
N THR A 90 16.26 7.09 20.98
CA THR A 90 16.81 8.38 20.58
C THR A 90 16.75 8.56 19.07
N LEU A 91 17.14 7.53 18.32
CA LEU A 91 17.08 7.61 16.87
C LEU A 91 15.63 7.68 16.38
N ALA A 92 14.76 6.83 16.92
CA ALA A 92 13.36 6.82 16.46
C ALA A 92 12.73 8.20 16.63
N GLU A 93 13.10 8.91 17.70
CA GLU A 93 12.50 10.22 17.95
C GLU A 93 13.02 11.31 17.03
N LYS A 94 14.04 11.03 16.21
CA LYS A 94 14.45 11.97 15.19
C LYS A 94 13.51 11.97 13.99
N TYR A 95 12.60 11.01 13.91
CA TYR A 95 11.67 10.86 12.81
C TYR A 95 10.25 11.08 13.33
N ASP A 96 9.29 11.16 12.41
CA ASP A 96 7.90 11.36 12.81
C ASP A 96 7.18 10.01 12.83
N SER A 97 6.61 9.68 13.99
CA SER A 97 5.71 8.55 14.17
C SER A 97 6.36 7.22 13.78
N VAL A 98 7.50 6.91 14.40
CA VAL A 98 8.12 5.60 14.25
C VAL A 98 8.64 5.11 15.59
N TYR A 99 8.74 3.79 15.71
CA TYR A 99 9.57 3.16 16.73
C TYR A 99 10.63 2.31 16.06
N LEU A 100 11.59 1.85 16.86
CA LEU A 100 12.64 0.96 16.41
C LEU A 100 12.79 -0.21 17.38
N HIS A 101 13.42 -1.27 16.90
CA HIS A 101 13.57 -2.51 17.65
C HIS A 101 14.76 -3.24 17.04
N PRO A 102 15.48 -4.05 17.82
CA PRO A 102 16.69 -4.70 17.26
C PRO A 102 16.41 -5.57 16.05
N GLY A 103 15.19 -6.08 15.89
CA GLY A 103 14.82 -6.90 14.75
C GLY A 103 14.11 -6.16 13.64
N PHE A 104 13.93 -4.84 13.77
CA PHE A 104 13.17 -4.07 12.78
C PHE A 104 13.84 -4.12 11.41
N PHE A 105 15.15 -3.87 11.37
CA PHE A 105 15.87 -3.85 10.10
C PHE A 105 15.75 -5.17 9.36
N SER A 106 15.97 -6.29 10.06
CA SER A 106 15.89 -7.60 9.43
CA SER A 106 15.89 -7.59 9.41
C SER A 106 14.49 -7.84 8.86
N SER A 107 13.46 -7.55 9.65
CA SER A 107 12.10 -7.74 9.16
CA SER A 107 12.10 -7.73 9.17
C SER A 107 11.81 -6.79 8.01
N ALA A 108 12.31 -5.56 8.07
CA ALA A 108 12.09 -4.61 6.98
C ALA A 108 12.71 -5.09 5.68
N CYS A 109 13.89 -5.70 5.77
CA CYS A 109 14.54 -6.23 4.56
C CYS A 109 13.73 -7.37 3.96
N LEU A 110 13.15 -8.24 4.81
CA LEU A 110 12.29 -9.31 4.31
C LEU A 110 10.96 -8.77 3.79
N SER A 111 10.50 -7.66 4.37
CA SER A 111 9.26 -7.05 3.91
CA SER A 111 9.26 -7.04 3.91
C SER A 111 9.41 -6.54 2.48
N VAL A 112 10.51 -5.84 2.19
CA VAL A 112 10.78 -5.44 0.81
C VAL A 112 10.92 -6.66 -0.08
N GLY A 113 11.73 -7.61 0.34
CA GLY A 113 12.04 -8.75 -0.50
C GLY A 113 10.82 -9.57 -0.84
N SER A 114 9.87 -9.66 0.09
CA SER A 114 8.62 -10.38 -0.18
CA SER A 114 8.64 -10.39 -0.19
C SER A 114 7.91 -9.83 -1.41
N VAL A 115 7.87 -8.50 -1.54
CA VAL A 115 7.23 -7.89 -2.70
C VAL A 115 8.03 -8.20 -3.95
N LEU A 116 9.37 -8.13 -3.87
CA LEU A 116 10.19 -8.39 -5.06
C LEU A 116 10.01 -9.82 -5.55
N GLN A 117 9.88 -10.77 -4.62
CA GLN A 117 9.64 -12.16 -5.00
C GLN A 117 8.36 -12.28 -5.82
N LEU A 118 7.29 -11.62 -5.37
CA LEU A 118 6.03 -11.69 -6.10
C LEU A 118 6.14 -10.99 -7.46
N VAL A 119 6.86 -9.86 -7.52
CA VAL A 119 7.08 -9.21 -8.81
C VAL A 119 7.75 -10.16 -9.78
N ASP A 120 8.77 -10.89 -9.33
CA ASP A 120 9.43 -11.87 -10.20
C ASP A 120 8.43 -12.88 -10.73
N LYS A 121 7.63 -13.49 -9.85
CA LYS A 121 6.75 -14.56 -10.28
C LYS A 121 5.66 -14.03 -11.20
N VAL A 122 5.13 -12.84 -10.91
CA VAL A 122 4.05 -12.30 -11.72
C VAL A 122 4.57 -11.85 -13.09
N MET A 123 5.73 -11.17 -13.11
CA MET A 123 6.24 -10.67 -14.38
C MET A 123 6.65 -11.80 -15.32
N THR A 124 7.08 -12.94 -14.79
CA THR A 124 7.46 -14.08 -15.62
C THR A 124 6.30 -15.02 -15.89
N SER A 125 5.08 -14.67 -15.48
CA SER A 125 3.91 -15.48 -15.72
C SER A 125 3.93 -16.81 -14.98
N GLN A 126 4.78 -16.93 -13.97
CA GLN A 126 4.73 -18.11 -13.10
C GLN A 126 3.53 -18.05 -12.16
N LEU A 127 3.03 -16.84 -11.90
CA LEU A 127 1.79 -16.63 -11.17
C LEU A 127 1.02 -15.53 -11.88
N ARG A 128 -0.29 -15.48 -11.61
CA ARG A 128 -1.15 -14.43 -12.17
C ARG A 128 -1.03 -13.15 -11.35
N ASN A 129 -0.98 -13.27 -10.03
CA ASN A 129 -1.06 -12.13 -9.11
C ASN A 129 -0.56 -12.61 -7.74
N GLY A 130 -0.54 -11.72 -6.76
CA GLY A 130 -0.07 -12.17 -5.46
C GLY A 130 -0.26 -11.12 -4.39
N PHE A 131 -0.05 -11.56 -3.15
CA PHE A 131 -0.25 -10.71 -1.98
C PHE A 131 0.84 -11.04 -0.96
N SER A 132 1.58 -10.02 -0.52
CA SER A 132 2.53 -10.20 0.57
CA SER A 132 2.54 -10.19 0.57
C SER A 132 1.89 -9.78 1.88
N ILE A 133 1.96 -10.65 2.89
CA ILE A 133 1.39 -10.37 4.19
C ILE A 133 2.51 -9.88 5.09
N ASN A 134 2.99 -8.68 4.82
CA ASN A 134 4.26 -8.19 5.35
C ASN A 134 4.07 -7.04 6.33
N ARG A 135 4.95 -7.01 7.33
CA ARG A 135 5.20 -5.83 8.12
C ARG A 135 6.71 -5.82 8.38
N PRO A 136 7.31 -4.63 8.51
CA PRO A 136 6.70 -3.31 8.56
C PRO A 136 6.15 -2.81 7.21
N PRO A 137 5.24 -1.85 7.31
CA PRO A 137 4.70 -1.21 6.10
C PRO A 137 5.75 -0.33 5.45
N GLY A 138 5.41 0.21 4.29
CA GLY A 138 6.40 0.94 3.49
C GLY A 138 6.06 2.32 2.96
N HIS A 139 4.78 2.64 2.77
CA HIS A 139 4.45 3.73 1.85
C HIS A 139 4.86 5.12 2.35
N HIS A 140 5.11 5.29 3.65
CA HIS A 140 5.59 6.58 4.15
C HIS A 140 7.11 6.72 4.14
N ALA A 141 7.84 5.63 3.97
CA ALA A 141 9.29 5.71 4.04
C ALA A 141 9.83 6.55 2.89
N GLN A 142 10.90 7.29 3.17
CA GLN A 142 11.46 8.26 2.25
C GLN A 142 12.92 7.94 1.96
N ALA A 143 13.48 8.66 0.99
CA ALA A 143 14.82 8.32 0.52
C ALA A 143 15.82 8.24 1.66
N ASP A 144 15.74 9.17 2.62
CA ASP A 144 16.71 9.25 3.70
C ASP A 144 16.07 9.38 5.07
N LYS A 145 14.88 8.83 5.27
CA LYS A 145 14.27 8.91 6.59
C LYS A 145 13.16 7.89 6.76
N MET A 146 13.01 7.42 7.99
CA MET A 146 11.85 6.65 8.41
C MET A 146 10.66 7.61 8.57
N ASN A 147 9.46 7.05 8.53
CA ASN A 147 8.27 7.86 8.76
C ASN A 147 7.08 6.94 8.89
N GLY A 148 6.17 7.27 9.81
CA GLY A 148 4.86 6.63 9.81
C GLY A 148 4.89 5.12 9.88
N PHE A 149 5.71 4.58 10.79
CA PHE A 149 5.84 3.16 11.07
C PHE A 149 6.64 2.43 10.00
N CYS A 150 7.25 3.15 9.06
CA CYS A 150 7.91 2.58 7.89
C CYS A 150 9.40 2.89 7.91
N MET A 151 10.21 1.89 7.52
CA MET A 151 11.65 2.05 7.34
C MET A 151 12.05 2.13 5.87
N PHE A 152 11.59 1.20 5.04
CA PHE A 152 11.94 1.16 3.63
C PHE A 152 10.67 1.17 2.81
N ASN A 153 10.71 1.81 1.64
CA ASN A 153 9.48 1.97 0.85
C ASN A 153 9.30 0.76 -0.07
N ASN A 154 8.64 -0.26 0.49
CA ASN A 154 8.46 -1.55 -0.16
C ASN A 154 8.01 -1.41 -1.61
N LEU A 155 6.93 -0.67 -1.84
CA LEU A 155 6.38 -0.60 -3.20
C LEU A 155 7.18 0.31 -4.11
N ALA A 156 7.77 1.38 -3.61
CA ALA A 156 8.60 2.21 -4.47
C ALA A 156 9.81 1.44 -4.96
N ILE A 157 10.42 0.65 -4.06
CA ILE A 157 11.52 -0.23 -4.46
C ILE A 157 11.03 -1.25 -5.48
N ALA A 158 9.87 -1.86 -5.22
CA ALA A 158 9.35 -2.87 -6.13
C ALA A 158 9.10 -2.29 -7.51
N ALA A 159 8.62 -1.05 -7.60
CA ALA A 159 8.35 -0.44 -8.88
C ALA A 159 9.65 -0.21 -9.66
N ARG A 160 10.66 0.36 -9.00
CA ARG A 160 11.94 0.57 -9.70
C ARG A 160 12.62 -0.76 -10.02
N TYR A 161 12.46 -1.77 -9.16
CA TYR A 161 12.99 -3.10 -9.44
C TYR A 161 12.32 -3.71 -10.67
N ALA A 162 11.00 -3.63 -10.76
CA ALA A 162 10.31 -4.14 -11.95
C ALA A 162 10.86 -3.48 -13.21
N GLN A 163 11.15 -2.18 -13.14
CA GLN A 163 11.67 -1.47 -14.30
C GLN A 163 13.09 -1.88 -14.62
N LYS A 164 13.95 -2.00 -13.59
CA LYS A 164 15.35 -2.29 -13.85
C LYS A 164 15.55 -3.76 -14.24
N ARG A 165 14.97 -4.68 -13.47
N ARG A 165 14.97 -4.69 -13.47
CA ARG A 165 15.19 -6.11 -13.70
CA ARG A 165 15.20 -6.11 -13.71
C ARG A 165 14.30 -6.63 -14.83
C ARG A 165 14.30 -6.65 -14.83
N HIS A 166 13.00 -6.40 -14.74
CA HIS A 166 12.05 -6.95 -15.70
C HIS A 166 11.79 -6.03 -16.88
N ARG A 167 12.39 -4.84 -16.89
CA ARG A 167 12.38 -3.93 -18.03
C ARG A 167 11.00 -3.35 -18.31
N VAL A 168 10.14 -3.39 -17.30
CA VAL A 168 8.82 -2.77 -17.38
C VAL A 168 8.98 -1.27 -17.64
N GLN A 169 8.15 -0.74 -18.53
CA GLN A 169 8.20 0.68 -18.82
C GLN A 169 7.29 1.52 -17.92
N ARG A 170 6.09 1.03 -17.59
CA ARG A 170 5.10 1.80 -16.86
C ARG A 170 4.54 0.96 -15.71
N VAL A 171 4.56 1.53 -14.51
CA VAL A 171 4.02 0.90 -13.31
C VAL A 171 2.94 1.82 -12.74
N LEU A 172 1.80 1.24 -12.38
CA LEU A 172 0.77 1.96 -11.64
C LEU A 172 0.81 1.51 -10.18
N ILE A 173 0.87 2.48 -9.27
CA ILE A 173 0.76 2.21 -7.83
C ILE A 173 -0.57 2.78 -7.35
N VAL A 174 -1.42 1.92 -6.80
CA VAL A 174 -2.71 2.31 -6.25
C VAL A 174 -2.62 2.17 -4.74
N ASP A 175 -2.88 3.24 -4.01
CA ASP A 175 -2.70 3.27 -2.56
C ASP A 175 -4.06 3.54 -1.93
N TRP A 176 -4.69 2.47 -1.41
CA TRP A 176 -6.01 2.59 -0.79
C TRP A 176 -5.95 2.57 0.74
N ASP A 177 -4.74 2.57 1.32
CA ASP A 177 -4.59 2.82 2.73
C ASP A 177 -5.23 4.18 3.06
N VAL A 178 -5.74 4.32 4.28
CA VAL A 178 -6.44 5.55 4.65
C VAL A 178 -5.50 6.76 4.75
N HIS A 179 -4.20 6.52 4.83
CA HIS A 179 -3.22 7.60 4.90
C HIS A 179 -2.61 7.85 3.53
N HIS A 180 -2.17 9.09 3.33
CA HIS A 180 -1.45 9.44 2.11
C HIS A 180 -0.04 8.87 2.13
N GLY A 181 0.31 8.10 1.11
CA GLY A 181 1.67 7.61 0.96
C GLY A 181 2.61 8.66 0.42
N GLN A 182 2.88 9.68 1.22
CA GLN A 182 3.71 10.80 0.75
C GLN A 182 5.09 10.33 0.32
N GLY A 183 5.61 9.27 0.94
CA GLY A 183 6.89 8.74 0.51
C GLY A 183 6.88 8.31 -0.94
N ILE A 184 5.84 7.59 -1.35
CA ILE A 184 5.74 7.18 -2.75
C ILE A 184 5.60 8.40 -3.64
N GLN A 185 4.74 9.34 -3.25
CA GLN A 185 4.56 10.55 -4.03
C GLN A 185 5.90 11.27 -4.25
N TYR A 186 6.68 11.46 -3.18
CA TYR A 186 7.95 12.17 -3.29
C TYR A 186 8.91 11.44 -4.21
N ILE A 187 9.03 10.12 -4.04
CA ILE A 187 10.00 9.34 -4.82
C ILE A 187 9.74 9.49 -6.31
N PHE A 188 8.47 9.50 -6.72
CA PHE A 188 8.12 9.49 -8.14
C PHE A 188 7.58 10.83 -8.62
N GLU A 189 7.78 11.89 -7.83
CA GLU A 189 7.24 13.22 -8.12
C GLU A 189 7.51 13.68 -9.55
N GLU A 190 8.71 13.45 -10.05
CA GLU A 190 9.11 13.92 -11.39
C GLU A 190 9.18 12.79 -12.40
N ASP A 191 8.51 11.67 -12.13
CA ASP A 191 8.69 10.45 -12.92
C ASP A 191 7.39 10.08 -13.62
N PRO A 192 7.30 10.22 -14.95
CA PRO A 192 6.06 9.85 -15.65
C PRO A 192 5.90 8.36 -15.86
N SER A 193 6.90 7.56 -15.54
CA SER A 193 6.83 6.12 -15.75
C SER A 193 6.19 5.37 -14.59
N VAL A 194 5.97 6.04 -13.46
CA VAL A 194 5.28 5.44 -12.32
C VAL A 194 4.15 6.38 -11.95
N LEU A 195 2.92 5.96 -12.22
CA LEU A 195 1.73 6.73 -11.89
C LEU A 195 1.32 6.36 -10.48
N TYR A 196 1.24 7.35 -9.59
CA TYR A 196 0.85 7.12 -8.21
C TYR A 196 -0.55 7.68 -8.00
N PHE A 197 -1.46 6.83 -7.51
CA PHE A 197 -2.81 7.24 -7.13
C PHE A 197 -3.01 6.92 -5.66
N SER A 198 -3.43 7.92 -4.89
CA SER A 198 -3.71 7.73 -3.47
C SER A 198 -5.07 8.30 -3.12
N VAL A 199 -5.91 7.52 -2.47
CA VAL A 199 -7.14 7.99 -1.83
C VAL A 199 -6.92 7.92 -0.32
N HIS A 200 -7.22 8.99 0.38
CA HIS A 200 -6.84 9.04 1.78
C HIS A 200 -7.66 10.07 2.54
N ARG A 201 -7.83 9.81 3.83
CA ARG A 201 -8.39 10.82 4.73
C ARG A 201 -7.44 12.00 4.82
N TYR A 202 -8.01 13.21 4.79
CA TYR A 202 -7.24 14.45 4.77
C TYR A 202 -7.82 15.47 5.75
N GLU A 203 -9.11 15.76 5.62
CA GLU A 203 -9.78 16.75 6.48
C GLU A 203 -9.02 18.09 6.48
N ASP A 204 -8.73 18.58 5.28
N ASP A 204 -8.66 18.57 5.29
CA ASP A 204 -8.00 19.84 5.11
CA ASP A 204 -8.02 19.87 5.13
C ASP A 204 -6.78 19.90 6.02
C ASP A 204 -6.67 19.95 5.84
N GLY A 205 -6.02 18.80 6.02
CA GLY A 205 -4.77 18.73 6.73
C GLY A 205 -4.88 18.35 8.20
N SER A 206 -6.09 18.29 8.75
N SER A 206 -6.09 18.27 8.75
CA SER A 206 -6.23 17.96 10.16
CA SER A 206 -6.23 17.97 10.17
C SER A 206 -5.72 16.56 10.47
C SER A 206 -5.83 16.53 10.51
N PHE A 207 -5.85 15.63 9.54
CA PHE A 207 -5.48 14.23 9.75
C PHE A 207 -4.03 14.00 9.36
N TRP A 208 -3.32 13.20 10.16
CA TRP A 208 -1.92 12.89 9.92
C TRP A 208 -1.76 12.30 8.50
N PRO A 209 -0.69 12.65 7.76
CA PRO A 209 0.49 13.44 8.15
C PRO A 209 0.42 14.98 7.95
N HIS A 210 -0.77 15.53 7.77
CA HIS A 210 -0.98 16.99 7.85
C HIS A 210 -0.25 17.77 6.76
N LEU A 211 -0.14 17.24 5.55
CA LEU A 211 0.68 17.84 4.51
C LEU A 211 -0.19 18.56 3.48
N LYS A 212 0.19 19.80 3.16
CA LYS A 212 -0.46 20.52 2.07
C LYS A 212 -0.41 19.72 0.78
N GLU A 213 0.68 18.98 0.56
CA GLU A 213 0.88 18.26 -0.68
C GLU A 213 0.12 16.94 -0.74
N SER A 214 -0.72 16.64 0.24
CA SER A 214 -1.65 15.53 0.13
C SER A 214 -2.95 15.95 -0.54
N ASP A 215 -3.13 17.22 -0.88
CA ASP A 215 -4.30 17.69 -1.59
C ASP A 215 -4.15 17.36 -3.07
N SER A 216 -5.25 17.49 -3.82
CA SER A 216 -5.24 17.11 -5.23
C SER A 216 -4.48 18.08 -6.13
N SER A 217 -4.08 19.25 -5.60
N SER A 217 -4.07 19.24 -5.61
CA SER A 217 -3.25 20.17 -6.37
CA SER A 217 -3.26 20.16 -6.39
C SER A 217 -1.84 19.65 -6.63
C SER A 217 -1.84 19.65 -6.62
N SER A 218 -1.39 18.64 -5.88
CA SER A 218 -0.07 18.06 -6.09
C SER A 218 -0.20 17.01 -7.18
N VAL A 219 0.13 17.39 -8.42
CA VAL A 219 -0.06 16.55 -9.59
C VAL A 219 1.25 16.03 -10.16
N GLY A 220 2.36 16.22 -9.46
CA GLY A 220 3.68 15.91 -9.99
C GLY A 220 4.28 17.13 -10.68
N SER A 221 5.56 16.99 -11.04
CA SER A 221 6.28 18.14 -11.59
C SER A 221 7.29 17.68 -12.63
N GLY A 222 7.69 18.63 -13.47
CA GLY A 222 8.61 18.29 -14.54
C GLY A 222 7.99 17.31 -15.51
N ALA A 223 8.80 16.35 -15.94
CA ALA A 223 8.30 15.28 -16.81
C ALA A 223 7.17 14.51 -16.13
N GLY A 224 7.11 14.53 -14.80
CA GLY A 224 6.09 13.83 -14.04
C GLY A 224 4.79 14.57 -13.86
N GLN A 225 4.65 15.76 -14.44
CA GLN A 225 3.42 16.51 -14.29
C GLN A 225 2.25 15.70 -14.86
N GLY A 226 1.23 15.47 -14.02
CA GLY A 226 0.08 14.68 -14.38
C GLY A 226 0.10 13.26 -13.84
N TYR A 227 1.24 12.80 -13.31
CA TYR A 227 1.41 11.40 -12.96
C TYR A 227 1.38 11.16 -11.46
N ASN A 228 0.78 12.09 -10.72
CA ASN A 228 0.53 11.95 -9.29
C ASN A 228 -0.89 12.42 -9.05
N ILE A 229 -1.72 11.55 -8.46
CA ILE A 229 -3.14 11.80 -8.32
C ILE A 229 -3.55 11.53 -6.88
N ASN A 230 -3.92 12.59 -6.16
CA ASN A 230 -4.38 12.50 -4.78
C ASN A 230 -5.88 12.72 -4.73
N LEU A 231 -6.59 11.85 -4.01
CA LEU A 231 -8.02 11.99 -3.75
C LEU A 231 -8.20 12.14 -2.25
N PRO A 232 -8.28 13.37 -1.74
CA PRO A 232 -8.40 13.56 -0.29
C PRO A 232 -9.85 13.59 0.17
N TRP A 233 -10.17 12.80 1.19
CA TRP A 233 -11.48 12.86 1.83
C TRP A 233 -11.45 13.93 2.91
N ASN A 234 -12.49 14.76 2.95
CA ASN A 234 -12.57 15.82 3.94
C ASN A 234 -13.70 15.63 4.94
N LYS A 235 -14.32 14.46 4.97
CA LYS A 235 -15.21 14.06 6.03
C LYS A 235 -14.95 12.60 6.37
N VAL A 236 -15.16 12.24 7.63
CA VAL A 236 -15.04 10.84 8.07
C VAL A 236 -16.27 10.07 7.61
N GLY A 237 -16.20 8.75 7.74
CA GLY A 237 -17.35 7.91 7.49
C GLY A 237 -17.58 7.50 6.06
N MET A 238 -16.58 7.61 5.19
CA MET A 238 -16.75 7.16 3.82
C MET A 238 -17.02 5.67 3.77
N GLU A 239 -17.77 5.26 2.75
CA GLU A 239 -18.23 3.88 2.60
C GLU A 239 -17.81 3.31 1.26
N SER A 240 -18.19 2.05 1.04
CA SER A 240 -17.80 1.35 -0.19
CA SER A 240 -17.79 1.36 -0.18
C SER A 240 -18.21 2.11 -1.45
N GLY A 241 -19.42 2.70 -1.44
CA GLY A 241 -19.86 3.42 -2.62
C GLY A 241 -18.97 4.60 -2.95
N ASP A 242 -18.38 5.24 -1.93
CA ASP A 242 -17.47 6.34 -2.17
C ASP A 242 -16.19 5.87 -2.86
N TYR A 243 -15.66 4.72 -2.43
CA TYR A 243 -14.45 4.17 -3.02
C TYR A 243 -14.71 3.64 -4.43
N ILE A 244 -15.81 2.90 -4.61
CA ILE A 244 -16.12 2.34 -5.92
C ILE A 244 -16.34 3.46 -6.92
N THR A 245 -17.07 4.51 -6.53
CA THR A 245 -17.30 5.65 -7.41
C THR A 245 -15.99 6.31 -7.79
N ALA A 246 -15.07 6.49 -6.84
CA ALA A 246 -13.77 7.06 -7.16
C ALA A 246 -13.03 6.21 -8.19
N PHE A 247 -13.08 4.89 -8.03
CA PHE A 247 -12.40 4.02 -8.98
C PHE A 247 -13.04 4.11 -10.37
N GLN A 248 -14.37 4.21 -10.41
CA GLN A 248 -15.10 4.20 -11.68
C GLN A 248 -14.98 5.54 -12.43
N GLN A 249 -15.02 6.67 -11.70
CA GLN A 249 -15.00 7.98 -12.34
C GLN A 249 -13.60 8.44 -12.66
N LEU A 250 -12.62 8.04 -11.85
CA LEU A 250 -11.30 8.67 -11.88
C LEU A 250 -10.18 7.67 -12.14
N LEU A 251 -10.02 6.65 -11.28
CA LEU A 251 -8.84 5.80 -11.39
C LEU A 251 -8.86 4.92 -12.65
N LEU A 252 -9.97 4.23 -12.90
CA LEU A 252 -10.02 3.34 -14.05
C LEU A 252 -9.83 4.06 -15.38
N PRO A 253 -10.51 5.18 -15.66
CA PRO A 253 -10.25 5.87 -16.92
C PRO A 253 -8.79 6.24 -17.09
N VAL A 254 -8.15 6.77 -16.04
CA VAL A 254 -6.74 7.12 -16.12
C VAL A 254 -5.87 5.88 -16.30
N ALA A 255 -6.15 4.82 -15.55
CA ALA A 255 -5.33 3.62 -15.64
C ALA A 255 -5.34 3.03 -17.05
N TYR A 256 -6.50 3.01 -17.70
CA TYR A 256 -6.56 2.46 -19.05
C TYR A 256 -5.80 3.33 -20.03
N GLU A 257 -5.85 4.65 -19.84
CA GLU A 257 -5.07 5.55 -20.70
C GLU A 257 -3.58 5.38 -20.47
N PHE A 258 -3.18 5.21 -19.21
CA PHE A 258 -1.76 5.05 -18.87
C PHE A 258 -1.20 3.73 -19.37
N GLN A 259 -2.02 2.68 -19.43
CA GLN A 259 -1.61 1.37 -19.92
CA GLN A 259 -1.60 1.37 -19.93
C GLN A 259 -0.45 0.82 -19.11
N PRO A 260 -0.62 0.63 -17.80
CA PRO A 260 0.47 0.07 -16.99
C PRO A 260 0.77 -1.37 -17.38
N GLN A 261 2.02 -1.78 -17.15
CA GLN A 261 2.46 -3.15 -17.36
C GLN A 261 2.54 -3.93 -16.06
N LEU A 262 2.39 -3.26 -14.93
CA LEU A 262 2.35 -3.89 -13.62
C LEU A 262 1.55 -2.96 -12.73
N VAL A 263 0.72 -3.52 -11.86
CA VAL A 263 -0.02 -2.75 -10.86
C VAL A 263 0.42 -3.22 -9.48
N LEU A 264 0.86 -2.27 -8.66
CA LEU A 264 1.21 -2.52 -7.26
C LEU A 264 0.21 -1.80 -6.39
N VAL A 265 -0.29 -2.48 -5.36
CA VAL A 265 -1.29 -1.90 -4.47
C VAL A 265 -0.70 -1.76 -3.08
N ALA A 266 -0.71 -0.54 -2.55
CA ALA A 266 -0.43 -0.27 -1.14
C ALA A 266 -1.71 -0.63 -0.39
N ALA A 267 -1.78 -1.90 0.03
CA ALA A 267 -3.02 -2.50 0.50
C ALA A 267 -3.08 -2.36 2.02
N GLY A 268 -3.40 -1.15 2.45
CA GLY A 268 -3.74 -0.93 3.84
C GLY A 268 -5.23 -1.13 4.06
N PHE A 269 -5.60 -1.45 5.29
CA PHE A 269 -7.00 -1.73 5.61
C PHE A 269 -7.49 -0.88 6.76
N ASP A 270 -6.86 0.27 6.95
CA ASP A 270 -7.28 1.19 7.99
C ASP A 270 -8.47 2.05 7.58
N ALA A 271 -8.96 1.92 6.35
CA ALA A 271 -10.26 2.50 6.00
C ALA A 271 -11.43 1.57 6.28
N VAL A 272 -11.16 0.33 6.72
CA VAL A 272 -12.25 -0.61 6.98
C VAL A 272 -13.00 -0.22 8.25
N ILE A 273 -14.32 -0.48 8.23
CA ILE A 273 -15.14 -0.34 9.44
C ILE A 273 -14.44 -1.00 10.61
N GLY A 274 -14.43 -0.31 11.74
CA GLY A 274 -13.84 -0.83 12.96
C GLY A 274 -12.40 -0.43 13.21
N ASP A 275 -11.71 0.12 12.23
CA ASP A 275 -10.34 0.53 12.48
C ASP A 275 -10.31 1.59 13.58
N PRO A 276 -9.34 1.50 14.50
CA PRO A 276 -9.31 2.46 15.62
C PRO A 276 -8.84 3.86 15.25
N LEU A 277 -8.23 4.05 14.08
CA LEU A 277 -7.62 5.31 13.66
CA LEU A 277 -7.77 5.38 13.74
C LEU A 277 -8.20 5.90 12.37
N GLY A 278 -8.65 5.04 11.45
CA GLY A 278 -8.96 5.51 10.11
C GLY A 278 -10.19 6.39 10.01
N GLY A 279 -11.20 6.16 10.84
CA GLY A 279 -12.39 6.98 10.80
C GLY A 279 -13.34 6.70 9.65
N MET A 280 -13.13 5.65 8.88
CA MET A 280 -13.99 5.36 7.73
C MET A 280 -14.88 4.14 8.01
N GLN A 281 -15.79 3.89 7.09
CA GLN A 281 -16.83 2.88 7.26
C GLN A 281 -16.91 1.97 6.05
N VAL A 282 -15.76 1.61 5.47
CA VAL A 282 -15.74 0.76 4.29
C VAL A 282 -15.89 -0.70 4.71
N SER A 283 -16.84 -1.41 4.10
CA SER A 283 -16.98 -2.82 4.41
C SER A 283 -15.78 -3.59 3.90
N PRO A 284 -15.38 -4.66 4.59
CA PRO A 284 -14.28 -5.48 4.06
C PRO A 284 -14.57 -6.02 2.66
N GLU A 285 -15.83 -6.35 2.40
CA GLU A 285 -16.22 -6.91 1.10
C GLU A 285 -15.96 -5.94 -0.04
N CYS A 286 -15.99 -4.63 0.24
CA CYS A 286 -15.65 -3.65 -0.77
C CYS A 286 -14.33 -3.98 -1.45
N PHE A 287 -13.37 -4.52 -0.69
CA PHE A 287 -12.05 -4.76 -1.25
C PHE A 287 -12.04 -5.91 -2.25
N SER A 288 -13.03 -6.80 -2.22
CA SER A 288 -13.18 -7.72 -3.34
C SER A 288 -13.47 -6.96 -4.62
N ILE A 289 -14.34 -5.95 -4.55
CA ILE A 289 -14.71 -5.19 -5.73
C ILE A 289 -13.55 -4.33 -6.21
N LEU A 290 -12.89 -3.62 -5.28
CA LEU A 290 -11.78 -2.77 -5.68
C LEU A 290 -10.66 -3.59 -6.32
N THR A 291 -10.35 -4.76 -5.75
CA THR A 291 -9.35 -5.64 -6.34
C THR A 291 -9.78 -6.06 -7.74
N HIS A 292 -11.04 -6.50 -7.88
CA HIS A 292 -11.55 -6.90 -9.18
C HIS A 292 -11.42 -5.78 -10.21
N MET A 293 -11.68 -4.54 -9.79
CA MET A 293 -11.63 -3.41 -10.69
C MET A 293 -10.23 -3.09 -11.19
N LEU A 294 -9.19 -3.60 -10.53
CA LEU A 294 -7.81 -3.38 -10.96
C LEU A 294 -7.25 -4.50 -11.83
N LYS A 295 -7.95 -5.63 -11.94
CA LYS A 295 -7.43 -6.78 -12.67
C LYS A 295 -7.56 -6.65 -14.18
N GLY A 296 -8.25 -5.63 -14.69
CA GLY A 296 -8.44 -5.45 -16.11
C GLY A 296 -7.37 -4.66 -16.85
N VAL A 297 -6.32 -4.22 -16.15
CA VAL A 297 -5.18 -3.60 -16.80
C VAL A 297 -3.96 -4.47 -16.53
N ALA A 298 -2.89 -4.19 -17.27
CA ALA A 298 -1.59 -4.84 -17.06
C ALA A 298 -1.66 -6.35 -17.18
N GLN A 299 -2.58 -6.87 -17.99
CA GLN A 299 -2.74 -8.32 -18.13
C GLN A 299 -2.99 -8.99 -16.79
N GLY A 300 -3.62 -8.27 -15.86
CA GLY A 300 -3.90 -8.83 -14.55
C GLY A 300 -2.68 -8.94 -13.65
N ARG A 301 -1.55 -8.36 -14.05
CA ARG A 301 -0.32 -8.46 -13.25
C ARG A 301 -0.43 -7.50 -12.07
N LEU A 302 -0.92 -8.04 -10.95
CA LEU A 302 -1.36 -7.27 -9.80
C LEU A 302 -0.70 -7.85 -8.56
N VAL A 303 0.02 -7.01 -7.80
CA VAL A 303 0.67 -7.43 -6.56
C VAL A 303 0.23 -6.49 -5.46
N LEU A 304 -0.36 -7.06 -4.41
CA LEU A 304 -0.78 -6.32 -3.22
C LEU A 304 0.23 -6.54 -2.11
N ALA A 305 0.53 -5.49 -1.36
CA ALA A 305 1.40 -5.59 -0.19
C ALA A 305 0.75 -4.88 0.97
N LEU A 306 0.78 -5.50 2.14
CA LEU A 306 0.12 -4.93 3.30
C LEU A 306 0.79 -3.62 3.73
N GLU A 307 -0.03 -2.60 3.98
CA GLU A 307 0.44 -1.35 4.57
C GLU A 307 -0.15 -1.27 5.98
N GLY A 308 -1.07 -0.33 6.23
CA GLY A 308 -1.69 -0.20 7.53
C GLY A 308 -2.95 -1.04 7.68
N GLY A 309 -3.70 -0.72 8.75
CA GLY A 309 -4.86 -1.48 9.15
C GLY A 309 -4.63 -2.02 10.54
N TYR A 310 -5.43 -1.57 11.52
CA TYR A 310 -5.09 -1.76 12.93
C TYR A 310 -6.17 -2.42 13.76
N ASN A 311 -7.36 -2.64 13.22
CA ASN A 311 -8.31 -3.54 13.85
C ASN A 311 -8.00 -4.93 13.31
N LEU A 312 -7.60 -5.84 14.21
CA LEU A 312 -7.08 -7.13 13.77
C LEU A 312 -8.10 -7.88 12.92
N GLN A 313 -9.37 -7.86 13.34
CA GLN A 313 -10.41 -8.57 12.61
CA GLN A 313 -10.42 -8.57 12.61
C GLN A 313 -10.75 -7.87 11.30
N SER A 314 -10.88 -6.53 11.33
CA SER A 314 -11.23 -5.79 10.11
C SER A 314 -10.17 -5.94 9.03
N THR A 315 -8.90 -5.84 9.43
CA THR A 315 -7.80 -5.96 8.49
C THR A 315 -7.74 -7.37 7.90
N ALA A 316 -7.89 -8.39 8.75
CA ALA A 316 -7.91 -9.76 8.25
C ALA A 316 -9.07 -9.98 7.28
N GLU A 317 -10.25 -9.45 7.61
CA GLU A 317 -11.39 -9.56 6.70
C GLU A 317 -11.12 -8.84 5.38
N GLY A 318 -10.48 -7.66 5.42
CA GLY A 318 -10.18 -6.96 4.18
C GLY A 318 -9.18 -7.71 3.32
N VAL A 319 -8.17 -8.29 3.94
CA VAL A 319 -7.21 -9.12 3.19
C VAL A 319 -7.93 -10.29 2.55
N CYS A 320 -8.79 -10.98 3.32
CA CYS A 320 -9.48 -12.14 2.76
C CYS A 320 -10.37 -11.74 1.60
N ALA A 321 -11.07 -10.61 1.71
CA ALA A 321 -11.92 -10.17 0.61
C ALA A 321 -11.10 -9.89 -0.65
N SER A 322 -9.95 -9.25 -0.49
CA SER A 322 -9.06 -9.01 -1.62
C SER A 322 -8.58 -10.31 -2.22
N MET A 323 -8.20 -11.27 -1.37
CA MET A 323 -7.66 -12.54 -1.83
C MET A 323 -8.70 -13.32 -2.63
N ARG A 324 -9.97 -13.26 -2.21
CA ARG A 324 -11.02 -13.95 -2.98
C ARG A 324 -11.03 -13.47 -4.43
N SER A 325 -10.87 -12.17 -4.63
CA SER A 325 -10.83 -11.65 -6.00
CA SER A 325 -10.83 -11.63 -5.99
C SER A 325 -9.56 -12.05 -6.72
N LEU A 326 -8.41 -11.99 -6.04
CA LEU A 326 -7.18 -12.44 -6.69
C LEU A 326 -7.33 -13.88 -7.18
N LEU A 327 -8.00 -14.72 -6.40
CA LEU A 327 -8.20 -16.14 -6.73
C LEU A 327 -9.29 -16.34 -7.77
N GLY A 328 -9.99 -15.29 -8.18
CA GLY A 328 -10.99 -15.42 -9.23
C GLY A 328 -12.39 -15.75 -8.79
N ASP A 329 -12.68 -15.73 -7.49
CA ASP A 329 -14.04 -15.99 -7.04
C ASP A 329 -14.96 -14.82 -7.42
N PRO A 330 -16.21 -15.09 -7.79
CA PRO A 330 -17.11 -13.99 -8.14
C PRO A 330 -17.30 -13.03 -6.98
N CYS A 331 -17.35 -11.74 -7.29
CA CYS A 331 -17.50 -10.73 -6.27
C CYS A 331 -18.83 -10.91 -5.54
N PRO A 332 -18.87 -10.61 -4.26
CA PRO A 332 -20.14 -10.58 -3.54
C PRO A 332 -20.98 -9.38 -3.96
N HIS A 333 -22.29 -9.50 -3.76
CA HIS A 333 -23.15 -8.34 -3.78
C HIS A 333 -22.84 -7.45 -2.58
N LEU A 334 -22.79 -6.14 -2.82
CA LEU A 334 -22.69 -5.25 -1.67
C LEU A 334 -24.06 -4.68 -1.33
N PRO A 335 -24.39 -4.55 -0.04
CA PRO A 335 -25.76 -4.12 0.30
C PRO A 335 -26.07 -2.70 -0.13
N SER A 336 -25.12 -1.78 -0.03
CA SER A 336 -25.38 -0.40 -0.40
C SER A 336 -25.51 -0.28 -1.92
N SER A 337 -26.11 0.84 -2.36
CA SER A 337 -26.39 1.03 -3.78
C SER A 337 -25.13 1.29 -4.59
N GLY A 338 -24.04 1.70 -3.95
CA GLY A 338 -22.86 2.15 -4.66
C GLY A 338 -22.81 3.64 -4.92
N ALA A 339 -23.86 4.37 -4.57
CA ALA A 339 -23.87 5.81 -4.75
C ALA A 339 -22.94 6.47 -3.73
N PRO A 340 -22.25 7.53 -4.12
CA PRO A 340 -21.37 8.24 -3.18
C PRO A 340 -22.13 9.30 -2.39
N CYS A 341 -21.51 9.75 -1.31
CA CYS A 341 -22.06 10.87 -0.57
C CYS A 341 -21.60 12.19 -1.20
N GLU A 342 -22.27 13.28 -0.78
CA GLU A 342 -21.96 14.60 -1.33
C GLU A 342 -20.49 14.96 -1.14
N SER A 343 -19.94 14.68 0.05
CA SER A 343 -18.55 15.06 0.30
C SER A 343 -17.59 14.29 -0.61
N ALA A 344 -17.82 12.99 -0.77
CA ALA A 344 -16.98 12.20 -1.67
C ALA A 344 -17.04 12.74 -3.10
N LEU A 345 -18.25 13.05 -3.58
CA LEU A 345 -18.39 13.59 -4.93
C LEU A 345 -17.64 14.92 -5.07
N LYS A 346 -17.69 15.77 -4.05
CA LYS A 346 -16.95 17.01 -4.08
C LYS A 346 -15.46 16.77 -4.23
N SER A 347 -14.92 15.81 -3.46
CA SER A 347 -13.49 15.50 -3.56
C SER A 347 -13.15 14.92 -4.93
N ILE A 348 -13.96 13.99 -5.43
CA ILE A 348 -13.69 13.38 -6.72
C ILE A 348 -13.71 14.44 -7.83
N SER A 349 -14.71 15.32 -7.80
N SER A 349 -14.71 15.33 -7.79
CA SER A 349 -14.81 16.36 -8.81
CA SER A 349 -14.81 16.36 -8.81
C SER A 349 -13.61 17.31 -8.76
C SER A 349 -13.61 17.31 -8.76
N LYS A 350 -13.15 17.65 -7.55
CA LYS A 350 -11.99 18.53 -7.45
C LYS A 350 -10.73 17.85 -7.98
N THR A 351 -10.52 16.58 -7.67
CA THR A 351 -9.35 15.89 -8.22
C THR A 351 -9.41 15.84 -9.74
N ILE A 352 -10.57 15.52 -10.30
CA ILE A 352 -10.71 15.53 -11.76
C ILE A 352 -10.39 16.91 -12.32
N SER A 353 -10.82 17.97 -11.64
CA SER A 353 -10.52 19.33 -12.10
C SER A 353 -9.03 19.61 -12.11
N ASP A 354 -8.30 19.06 -11.13
CA ASP A 354 -6.87 19.29 -11.07
C ASP A 354 -6.09 18.45 -12.07
N LEU A 355 -6.62 17.28 -12.45
CA LEU A 355 -5.90 16.35 -13.31
C LEU A 355 -6.33 16.39 -14.77
N TYR A 356 -7.48 17.00 -15.08
CA TYR A 356 -7.99 16.97 -16.43
C TYR A 356 -7.00 17.47 -17.48
N PRO A 357 -6.15 18.46 -17.18
CA PRO A 357 -5.23 18.96 -18.21
C PRO A 357 -4.14 17.97 -18.60
N PHE A 358 -4.20 16.73 -18.08
CA PHE A 358 -3.15 15.77 -18.39
C PHE A 358 -3.70 14.41 -18.82
N TRP A 359 -5.02 14.24 -18.87
CA TRP A 359 -5.61 12.93 -19.17
C TRP A 359 -6.82 13.13 -20.08
N LYS A 360 -6.70 12.67 -21.33
CA LYS A 360 -7.83 12.75 -22.26
C LYS A 360 -9.06 12.04 -21.70
N SER A 361 -8.86 10.98 -20.92
CA SER A 361 -9.97 10.22 -20.36
C SER A 361 -10.78 11.02 -19.34
N LEU A 362 -10.23 12.12 -18.84
CA LEU A 362 -10.92 12.96 -17.87
C LEU A 362 -11.55 14.19 -18.52
N GLN A 363 -11.37 14.39 -19.82
CA GLN A 363 -11.92 15.55 -20.51
C GLN A 363 -13.20 15.19 -21.25
ZN ZN B . -2.40 3.81 7.04
K K C . 4.68 9.94 -10.60
K K D . -3.78 6.13 0.44
C10 QCP E . -0.37 9.73 16.04
C13 QCP E . 0.70 7.44 16.52
C15 QCP E . -0.14 5.65 17.95
C17 QCP E . 2.20 6.04 17.83
C20 QCP E . -0.66 5.79 12.13
C21 QCP E . -0.92 4.99 11.03
C02 QCP E . -0.49 4.24 8.74
C03 QCP E . -0.13 5.03 9.90
C04 QCP E . 0.94 5.94 9.94
C05 QCP E . 1.20 6.73 11.05
C06 QCP E . 0.41 6.71 12.17
C08 QCP E . -0.16 7.91 14.29
C09 QCP E . 0.45 8.57 15.50
C11 QCP E . -0.53 10.85 15.01
C12 QCP E . 0.26 10.34 17.29
C14 QCP E . -0.35 6.69 17.05
C16 QCP E . 1.13 5.32 18.35
C18 QCP E . 1.98 7.07 16.93
N07 QCP E . 0.67 7.42 13.28
N22 QCP E . -0.06 4.69 7.48
O01 QCP E . -1.25 3.31 8.78
O19 QCP E . -1.38 7.76 14.20
O23 QCP E . -0.41 4.03 6.35
H101 QCP E . -1.26 9.43 16.28
H151 QCP E . -0.86 5.16 18.31
H171 QCP E . 3.05 5.81 18.11
H201 QCP E . -1.24 5.69 12.85
H211 QCP E . -1.66 4.42 11.05
H041 QCP E . 1.49 6.02 9.20
H051 QCP E . 1.93 7.30 11.00
H091 QCP E . 1.32 8.94 15.26
H111 QCP E . 0.32 11.09 14.61
H112 QCP E . -0.89 11.66 15.36
H113 QCP E . -1.07 10.57 14.25
H122 QCP E . 1.22 10.46 17.26
H121 QCP E . 0.07 9.85 18.11
H123 QCP E . -0.10 11.23 17.49
H141 QCP E . -1.24 6.86 16.82
H161 QCP E . 1.28 4.62 18.96
H181 QCP E . 2.74 7.51 16.62
H071 QCP E . 1.52 7.51 13.42
H221 QCP E . 0.47 5.38 7.32
H231 QCP E . -0.86 4.60 5.90
#